data_1GGC
#
_entry.id   1GGC
#
_cell.length_a   83.700
_cell.length_b   110.700
_cell.length_c   56.300
_cell.angle_alpha   90.00
_cell.angle_beta   90.00
_cell.angle_gamma   90.00
#
_symmetry.space_group_name_H-M   'P 21 21 21'
#
loop_
_entity.id
_entity.type
_entity.pdbx_description
1 polymer 'IGG2A-KAPPA 50.1 FAB (LIGHT CHAIN)'
2 polymer 'IGG2A-KAPPA 50.1 FAB (HEAVY CHAIN)'
#
loop_
_entity_poly.entity_id
_entity_poly.type
_entity_poly.pdbx_seq_one_letter_code
_entity_poly.pdbx_strand_id
1 'polypeptide(L)'
;DIVLTQSPGSLAVSLGQRATISCRASESVDDDGNSFLHWYQQKPGQPPKLLIYRSSNLISGIPDRFSGSGSRTDFTLTIN
PVEADDVATYYCQQSNEDPLTFGAGTKLEIKRADAAPTVSIFPPSSEQLTSGGASVVCFLNNFYPKDINVKWKIDGSERQ
NGVLNSWTDQDSKDSTYSMSSTLTLTKDEYERHNSYTCEATHKTSTSPIVKSFNR
;
L
2 'polypeptide(L)'
;QVQLQESGPGILQPSQTLSLTCSFSGFSLSTYGMGVSWIRQPSGKGLEWLAHIFWDGDKRYNPSLKSRLKISKDTSNNQV
FLKITSVDTADTATYYCVQEGYIYWGQGTSVTVSSAKTTAPSVYPLAPVCGDTTGSSVTLGCLVKGYFPEPVTLTWNSGS
LSSGVHTFPAVLQSDLYTLSSSVTVTSSTWPSQSITCNVAHPASSTKVDKKIEPR
;
H
#
# COMPACT_ATOMS: atom_id res chain seq x y z
N ASP A 1 -6.53 19.08 19.51
CA ASP A 1 -5.65 18.36 18.63
C ASP A 1 -4.88 19.39 17.84
N ILE A 2 -3.59 19.28 17.48
CA ILE A 2 -3.08 20.23 16.51
C ILE A 2 -3.32 19.47 15.18
N VAL A 3 -3.87 20.10 14.14
CA VAL A 3 -4.21 19.47 12.87
C VAL A 3 -3.30 20.10 11.87
N LEU A 4 -2.72 19.23 11.06
CA LEU A 4 -1.69 19.68 10.20
C LEU A 4 -2.27 19.37 8.85
N THR A 5 -2.36 20.39 8.02
CA THR A 5 -2.83 20.22 6.68
C THR A 5 -1.59 20.22 5.81
N GLN A 6 -1.17 19.05 5.35
CA GLN A 6 -0.14 19.03 4.35
C GLN A 6 -0.72 19.54 3.02
N SER A 7 0.00 20.02 2.00
CA SER A 7 -0.56 20.34 0.69
C SER A 7 0.64 20.48 -0.21
N PRO A 8 0.52 20.23 -1.50
CA PRO A 8 -0.60 19.56 -2.10
C PRO A 8 -0.66 18.07 -1.75
N GLY A 9 -1.65 17.34 -2.28
CA GLY A 9 -1.87 15.91 -1.98
C GLY A 9 -0.89 15.04 -2.75
N SER A 10 -0.67 15.46 -4.02
CA SER A 10 0.26 14.88 -5.00
C SER A 10 1.07 15.99 -5.69
N LEU A 11 2.27 15.67 -6.18
CA LEU A 11 3.17 16.62 -6.77
C LEU A 11 3.88 15.81 -7.82
N ALA A 12 3.82 16.38 -9.01
CA ALA A 12 4.40 15.81 -10.20
C ALA A 12 5.61 16.67 -10.52
N VAL A 13 6.83 16.14 -10.50
CA VAL A 13 8.05 16.92 -10.64
C VAL A 13 8.84 16.28 -11.74
N SER A 14 9.63 17.04 -12.44
CA SER A 14 10.55 16.51 -13.40
C SER A 14 11.81 16.35 -12.60
N LEU A 15 12.55 15.35 -13.04
CA LEU A 15 13.80 15.04 -12.39
C LEU A 15 14.68 16.25 -12.53
N GLY A 16 15.41 16.53 -11.47
CA GLY A 16 16.30 17.64 -11.51
C GLY A 16 15.62 18.87 -10.98
N GLN A 17 14.31 19.18 -11.05
CA GLN A 17 13.88 20.40 -10.38
C GLN A 17 13.65 20.18 -8.86
N ARG A 18 13.38 21.26 -8.18
CA ARG A 18 13.08 21.31 -6.77
C ARG A 18 11.63 21.01 -6.53
N ALA A 19 11.35 20.62 -5.30
CA ALA A 19 9.98 20.38 -4.85
C ALA A 19 9.77 21.03 -3.47
N THR A 20 8.59 21.61 -3.21
CA THR A 20 8.19 22.29 -1.99
C THR A 20 6.83 21.81 -1.45
N ILE A 21 6.83 21.14 -0.30
CA ILE A 21 5.66 20.52 0.32
C ILE A 21 5.42 21.40 1.52
N SER A 22 4.25 21.91 1.79
CA SER A 22 4.18 22.69 2.99
C SER A 22 3.26 21.99 3.90
N CYS A 23 3.19 22.41 5.14
CA CYS A 23 2.44 21.69 6.15
C CYS A 23 2.08 22.73 7.16
N ARG A 24 0.77 22.92 7.39
CA ARG A 24 0.33 24.03 8.16
C ARG A 24 -0.31 23.49 9.37
N ALA A 25 -0.16 24.07 10.55
CA ALA A 25 -0.73 23.55 11.78
C ALA A 25 -1.81 24.44 12.43
N SER A 26 -2.83 23.98 13.15
CA SER A 26 -3.83 24.87 13.73
C SER A 26 -3.36 25.75 14.87
N GLU A 27 -2.34 25.27 15.57
CA GLU A 27 -1.68 26.07 16.56
C GLU A 27 -0.18 25.74 16.60
N SER A 28 0.57 26.67 17.19
CA SER A 28 1.98 26.53 17.24
C SER A 28 2.44 25.22 17.86
N VAL A 29 3.50 24.71 17.23
CA VAL A 29 4.17 23.52 17.69
C VAL A 29 5.49 23.85 18.34
N ASP A 30 5.76 25.14 18.65
CA ASP A 30 6.96 25.68 19.34
C ASP A 30 7.08 25.69 20.88
N ASP A 31 8.26 25.89 21.50
CA ASP A 31 8.46 26.17 22.93
C ASP A 31 8.81 27.64 23.10
N ASP A 32 8.27 28.44 22.16
CA ASP A 32 8.72 29.80 21.86
C ASP A 32 10.25 30.00 21.95
N GLY A 33 10.89 28.90 21.49
CA GLY A 33 12.30 28.63 21.54
C GLY A 33 12.60 27.53 20.54
N ASN A 34 12.09 26.28 20.62
CA ASN A 34 12.34 25.32 19.55
C ASN A 34 11.05 24.73 18.95
N SER A 35 11.07 24.25 17.68
CA SER A 35 9.85 23.88 16.99
C SER A 35 9.79 22.45 16.60
N PHE A 36 8.68 21.88 17.05
CA PHE A 36 8.53 20.46 17.00
C PHE A 36 7.78 19.97 15.81
N LEU A 37 8.17 20.26 14.59
CA LEU A 37 7.47 19.62 13.49
C LEU A 37 8.48 18.68 12.86
N HIS A 38 8.20 17.48 12.32
CA HIS A 38 9.24 16.59 11.80
C HIS A 38 8.79 16.00 10.48
N TRP A 39 9.74 15.71 9.63
CA TRP A 39 9.45 15.28 8.27
C TRP A 39 9.92 13.86 8.05
N TYR A 40 9.04 13.08 7.45
CA TYR A 40 9.18 11.66 7.12
C TYR A 40 9.08 11.46 5.62
N GLN A 41 9.74 10.44 5.10
CA GLN A 41 9.66 9.97 3.72
C GLN A 41 9.11 8.54 3.76
N GLN A 42 8.19 7.98 2.99
CA GLN A 42 7.98 6.56 3.07
C GLN A 42 7.83 5.97 1.65
N LYS A 43 8.83 5.21 1.17
CA LYS A 43 8.71 4.52 -0.11
C LYS A 43 7.87 3.34 0.28
N PRO A 44 6.90 2.88 -0.51
CA PRO A 44 6.01 1.78 -0.17
C PRO A 44 6.84 0.64 0.32
N GLY A 45 6.37 0.04 1.39
CA GLY A 45 7.03 -1.13 1.93
C GLY A 45 7.95 -0.71 3.07
N GLN A 46 8.78 0.32 2.88
CA GLN A 46 9.64 0.78 3.96
C GLN A 46 8.71 1.35 5.03
N PRO A 47 9.15 1.22 6.23
CA PRO A 47 8.94 2.18 7.31
C PRO A 47 9.35 3.63 7.10
N PRO A 48 8.81 4.50 7.91
CA PRO A 48 9.04 5.87 7.71
C PRO A 48 10.47 6.18 8.04
N LYS A 49 11.18 6.70 7.06
CA LYS A 49 12.49 7.23 7.39
C LYS A 49 12.40 8.68 7.89
N LEU A 50 12.73 9.01 9.13
CA LEU A 50 12.77 10.41 9.56
C LEU A 50 13.81 11.15 8.72
N LEU A 51 13.54 12.35 8.23
CA LEU A 51 14.49 13.06 7.40
C LEU A 51 14.96 14.27 8.14
N ILE A 52 14.10 14.96 8.83
CA ILE A 52 14.40 16.22 9.40
C ILE A 52 13.63 16.19 10.69
N TYR A 53 14.21 16.64 11.83
CA TYR A 53 13.45 16.77 13.02
C TYR A 53 13.65 18.15 13.61
N ARG A 54 12.69 18.49 14.49
CA ARG A 54 12.54 19.83 15.03
C ARG A 54 12.79 20.98 14.04
N SER A 55 11.93 20.97 13.02
CA SER A 55 11.77 21.84 11.88
C SER A 55 12.85 21.91 10.81
N SER A 56 14.13 21.87 11.24
CA SER A 56 15.33 22.11 10.42
C SER A 56 16.56 21.22 10.54
N ASN A 57 16.53 20.37 11.55
CA ASN A 57 17.70 19.56 11.89
C ASN A 57 17.73 18.37 11.01
N LEU A 58 18.64 18.21 10.08
CA LEU A 58 18.65 17.06 9.19
C LEU A 58 19.38 15.88 9.81
N ILE A 59 18.70 14.73 9.80
CA ILE A 59 19.28 13.50 10.31
C ILE A 59 20.53 13.19 9.48
N SER A 60 21.39 12.57 10.26
CA SER A 60 22.65 12.07 9.78
C SER A 60 22.43 11.14 8.57
N GLY A 61 23.32 11.19 7.57
CA GLY A 61 23.20 10.36 6.39
C GLY A 61 22.15 10.93 5.45
N ILE A 62 21.10 11.63 5.91
CA ILE A 62 20.11 12.19 4.99
C ILE A 62 20.76 13.21 4.05
N PRO A 63 20.59 13.08 2.72
CA PRO A 63 21.35 13.87 1.75
C PRO A 63 21.01 15.35 1.93
N ASP A 64 21.91 16.32 2.05
CA ASP A 64 21.48 17.72 2.20
C ASP A 64 20.76 18.44 1.01
N ARG A 65 20.00 17.66 0.20
CA ARG A 65 19.08 18.13 -0.84
C ARG A 65 17.68 18.43 -0.25
N PHE A 66 17.42 17.85 0.94
CA PHE A 66 16.20 18.02 1.72
C PHE A 66 16.37 19.26 2.58
N SER A 67 15.64 20.38 2.51
CA SER A 67 15.93 21.36 3.52
C SER A 67 14.65 21.58 4.30
N GLY A 68 14.69 21.83 5.66
CA GLY A 68 13.51 22.11 6.49
C GLY A 68 13.43 23.57 6.92
N SER A 69 12.27 24.17 7.12
CA SER A 69 12.20 25.58 7.41
C SER A 69 10.93 25.93 8.16
N GLY A 70 10.91 26.96 8.98
CA GLY A 70 9.65 27.38 9.55
C GLY A 70 9.46 27.30 11.06
N SER A 71 8.35 27.91 11.52
CA SER A 71 7.99 27.94 12.91
C SER A 71 6.51 28.36 13.10
N ARG A 72 6.12 28.01 14.34
CA ARG A 72 4.88 28.19 15.00
C ARG A 72 3.90 27.46 14.15
N THR A 73 3.32 28.02 13.12
CA THR A 73 2.31 27.29 12.37
C THR A 73 2.67 26.76 10.99
N ASP A 74 3.62 27.27 10.25
CA ASP A 74 3.76 26.94 8.85
C ASP A 74 5.10 26.33 8.58
N PHE A 75 5.25 25.19 7.96
CA PHE A 75 6.57 24.59 7.80
C PHE A 75 6.75 24.27 6.30
N THR A 76 7.91 23.85 5.73
CA THR A 76 8.14 23.57 4.34
C THR A 76 9.33 22.64 4.30
N LEU A 77 9.24 21.63 3.43
CA LEU A 77 10.30 20.69 3.09
C LEU A 77 10.67 21.06 1.67
N THR A 78 11.93 21.22 1.28
CA THR A 78 12.30 21.36 -0.09
C THR A 78 13.22 20.22 -0.47
N ILE A 79 12.98 19.61 -1.63
CA ILE A 79 13.78 18.50 -2.11
C ILE A 79 14.36 19.18 -3.32
N ASN A 80 15.66 19.49 -3.28
CA ASN A 80 16.28 20.22 -4.34
C ASN A 80 17.75 19.93 -4.64
N PRO A 81 18.06 19.10 -5.62
CA PRO A 81 17.18 18.63 -6.69
C PRO A 81 16.37 17.30 -6.59
N VAL A 82 15.16 17.17 -7.13
CA VAL A 82 14.43 15.93 -7.01
C VAL A 82 15.04 14.82 -7.83
N GLU A 83 15.88 13.98 -7.22
CA GLU A 83 16.37 12.75 -7.83
C GLU A 83 15.30 11.69 -7.95
N ALA A 84 15.62 10.69 -8.78
CA ALA A 84 14.64 9.66 -9.11
C ALA A 84 14.35 8.81 -7.92
N ASP A 85 15.27 8.67 -6.99
CA ASP A 85 14.92 7.90 -5.82
C ASP A 85 14.31 8.77 -4.70
N ASP A 86 13.41 9.72 -5.01
CA ASP A 86 12.80 10.53 -3.95
C ASP A 86 11.28 10.48 -3.97
N VAL A 87 10.90 9.68 -4.95
CA VAL A 87 9.53 9.47 -5.25
C VAL A 87 8.97 8.74 -4.00
N ALA A 88 7.95 9.31 -3.33
CA ALA A 88 7.41 8.76 -2.14
C ALA A 88 6.29 9.61 -1.59
N THR A 89 5.85 9.22 -0.37
CA THR A 89 4.96 10.00 0.43
C THR A 89 5.77 10.54 1.59
N TYR A 90 5.49 11.82 1.87
CA TYR A 90 6.11 12.58 2.92
C TYR A 90 5.04 13.00 3.90
N TYR A 91 5.43 12.93 5.17
CA TYR A 91 4.52 13.27 6.26
C TYR A 91 5.15 14.25 7.13
N CYS A 92 4.37 15.12 7.69
CA CYS A 92 4.86 16.05 8.67
C CYS A 92 4.24 15.57 9.93
N GLN A 93 4.76 15.86 11.10
CA GLN A 93 4.19 15.37 12.33
C GLN A 93 4.50 16.35 13.45
N GLN A 94 3.65 16.82 14.34
CA GLN A 94 4.00 17.77 15.39
C GLN A 94 4.21 16.84 16.51
N SER A 95 4.97 17.13 17.52
CA SER A 95 5.05 16.25 18.69
C SER A 95 5.18 17.19 19.88
N ASN A 96 4.55 18.32 19.66
CA ASN A 96 4.73 19.34 20.61
C ASN A 96 3.80 19.09 21.79
N GLU A 97 2.51 18.84 21.41
CA GLU A 97 1.38 18.63 22.32
C GLU A 97 0.86 17.25 22.00
N ASP A 98 0.39 16.51 22.98
CA ASP A 98 -0.27 15.27 22.70
C ASP A 98 -1.77 15.61 22.58
N PRO A 99 -2.51 14.85 21.82
CA PRO A 99 -2.00 13.85 20.88
C PRO A 99 -1.16 14.33 19.70
N LEU A 100 -0.05 13.60 19.53
CA LEU A 100 0.88 13.78 18.43
C LEU A 100 0.09 13.29 17.24
N THR A 101 -0.12 14.23 16.33
CA THR A 101 -0.89 14.08 15.12
C THR A 101 0.09 14.14 13.93
N PHE A 102 -0.23 13.51 12.80
CA PHE A 102 0.57 13.41 11.60
C PHE A 102 -0.21 14.08 10.47
N GLY A 103 0.52 14.47 9.45
CA GLY A 103 -0.10 15.10 8.34
C GLY A 103 -0.57 13.97 7.47
N ALA A 104 -1.50 14.32 6.62
CA ALA A 104 -2.05 13.32 5.74
C ALA A 104 -1.14 12.88 4.60
N GLY A 105 -0.02 13.53 4.22
CA GLY A 105 0.83 13.02 3.15
C GLY A 105 0.71 13.76 1.85
N THR A 106 1.80 13.63 1.09
CA THR A 106 1.88 14.22 -0.22
C THR A 106 2.68 13.18 -0.91
N LYS A 107 2.23 12.89 -2.14
CA LYS A 107 2.89 11.90 -2.98
C LYS A 107 3.66 12.60 -4.06
N LEU A 108 4.95 12.39 -4.13
CA LEU A 108 5.78 13.06 -5.07
C LEU A 108 5.96 12.06 -6.22
N GLU A 109 5.34 12.20 -7.36
CA GLU A 109 5.45 11.30 -8.48
C GLU A 109 6.24 12.00 -9.54
N ILE A 110 6.91 11.23 -10.42
CA ILE A 110 7.68 11.79 -11.52
C ILE A 110 6.70 12.29 -12.59
N LYS A 111 7.03 13.21 -13.47
CA LYS A 111 6.11 13.59 -14.52
C LYS A 111 6.57 12.94 -15.81
N ARG A 112 5.61 12.72 -16.70
CA ARG A 112 5.85 12.22 -18.03
C ARG A 112 4.70 12.73 -18.93
N ALA A 113 4.83 12.33 -20.19
CA ALA A 113 3.86 12.72 -21.21
C ALA A 113 2.65 11.86 -20.97
N ASP A 114 1.48 12.45 -21.28
CA ASP A 114 0.22 11.76 -21.08
C ASP A 114 0.23 10.45 -21.88
N ALA A 115 -0.34 9.40 -21.31
CA ALA A 115 -0.37 8.11 -21.95
C ALA A 115 -1.74 7.54 -21.65
N ALA A 116 -2.44 7.15 -22.69
CA ALA A 116 -3.70 6.46 -22.49
C ALA A 116 -3.47 4.97 -22.13
N PRO A 117 -4.41 4.32 -21.43
CA PRO A 117 -4.33 2.91 -21.06
C PRO A 117 -4.51 1.79 -22.11
N THR A 118 -3.64 0.79 -22.26
CA THR A 118 -3.91 -0.36 -23.14
C THR A 118 -4.85 -1.26 -22.35
N VAL A 119 -6.14 -1.25 -22.67
CA VAL A 119 -7.06 -2.05 -21.89
C VAL A 119 -7.13 -3.42 -22.51
N SER A 120 -7.45 -4.49 -21.74
CA SER A 120 -7.80 -5.85 -22.21
C SER A 120 -8.94 -6.51 -21.42
N ILE A 121 -9.98 -7.13 -21.96
CA ILE A 121 -10.88 -7.89 -21.10
C ILE A 121 -10.63 -9.41 -21.23
N PHE A 122 -10.89 -10.17 -20.24
CA PHE A 122 -10.64 -11.56 -20.36
C PHE A 122 -11.89 -12.11 -19.78
N PRO A 123 -12.67 -12.87 -20.51
CA PRO A 123 -13.60 -13.88 -19.97
C PRO A 123 -13.15 -14.78 -18.79
N PRO A 124 -13.97 -15.34 -17.91
CA PRO A 124 -13.60 -16.36 -16.92
C PRO A 124 -12.97 -17.62 -17.52
N SER A 125 -12.09 -18.32 -16.81
CA SER A 125 -11.52 -19.51 -17.41
C SER A 125 -12.55 -20.59 -17.17
N SER A 126 -12.45 -21.54 -18.06
CA SER A 126 -13.21 -22.79 -18.01
C SER A 126 -13.16 -23.41 -16.61
N GLU A 127 -11.97 -23.38 -16.01
CA GLU A 127 -11.71 -23.90 -14.69
C GLU A 127 -12.59 -23.24 -13.62
N GLN A 128 -12.67 -21.91 -13.68
CA GLN A 128 -13.44 -21.16 -12.73
C GLN A 128 -14.94 -21.46 -12.96
N LEU A 129 -15.37 -21.57 -14.22
CA LEU A 129 -16.76 -21.88 -14.52
C LEU A 129 -17.04 -23.28 -14.02
N THR A 130 -16.10 -24.19 -14.11
CA THR A 130 -16.26 -25.53 -13.61
C THR A 130 -16.56 -25.54 -12.15
N SER A 131 -16.07 -24.51 -11.46
CA SER A 131 -16.33 -24.42 -10.04
C SER A 131 -17.64 -23.70 -9.75
N GLY A 132 -18.28 -23.21 -10.77
CA GLY A 132 -19.47 -22.43 -10.54
C GLY A 132 -19.07 -21.00 -10.12
N GLY A 133 -17.79 -20.59 -10.34
CA GLY A 133 -17.38 -19.21 -10.10
C GLY A 133 -17.33 -18.47 -11.45
N ALA A 134 -17.47 -17.11 -11.51
CA ALA A 134 -17.28 -16.34 -12.74
C ALA A 134 -16.78 -14.90 -12.51
N SER A 135 -15.47 -14.69 -12.73
CA SER A 135 -14.74 -13.45 -12.65
C SER A 135 -14.39 -13.02 -14.09
N VAL A 136 -14.29 -11.73 -14.34
CA VAL A 136 -14.10 -11.18 -15.64
C VAL A 136 -13.13 -10.08 -15.28
N VAL A 137 -11.90 -10.28 -15.77
CA VAL A 137 -10.81 -9.40 -15.40
C VAL A 137 -10.57 -8.45 -16.55
N CYS A 138 -10.35 -7.17 -16.29
CA CYS A 138 -10.07 -6.20 -17.32
C CYS A 138 -8.90 -5.46 -16.69
N PHE A 139 -7.65 -5.58 -17.23
CA PHE A 139 -6.35 -5.04 -16.83
C PHE A 139 -6.24 -3.75 -17.63
N LEU A 140 -5.95 -2.60 -17.07
CA LEU A 140 -5.89 -1.39 -17.85
C LEU A 140 -4.59 -0.65 -17.55
N ASN A 141 -3.63 -1.27 -18.23
CA ASN A 141 -2.19 -1.10 -18.13
C ASN A 141 -1.61 0.13 -18.76
N ASN A 142 -0.46 0.49 -18.18
CA ASN A 142 0.42 1.58 -18.56
C ASN A 142 -0.21 2.86 -19.00
N PHE A 143 -0.43 3.78 -18.07
CA PHE A 143 -1.03 5.04 -18.38
C PHE A 143 -0.48 6.11 -17.45
N TYR A 144 -0.63 7.37 -17.83
CA TYR A 144 -0.23 8.53 -17.09
C TYR A 144 -1.22 9.65 -17.46
N PRO A 145 -1.85 10.44 -16.57
CA PRO A 145 -1.74 10.42 -15.11
C PRO A 145 -2.45 9.27 -14.46
N LYS A 146 -2.47 9.32 -13.12
CA LYS A 146 -3.11 8.30 -12.29
C LYS A 146 -4.66 8.30 -12.29
N ASP A 147 -5.25 9.47 -12.56
CA ASP A 147 -6.70 9.64 -12.55
C ASP A 147 -7.41 8.90 -13.66
N ILE A 148 -8.20 7.88 -13.26
CA ILE A 148 -8.95 7.08 -14.21
C ILE A 148 -10.27 6.52 -13.65
N ASN A 149 -11.35 6.33 -14.45
CA ASN A 149 -12.60 5.72 -13.93
C ASN A 149 -13.00 4.40 -14.57
N VAL A 150 -13.34 3.42 -13.74
CA VAL A 150 -13.79 2.12 -14.20
C VAL A 150 -15.29 1.83 -13.91
N LYS A 151 -15.91 1.67 -15.09
CA LYS A 151 -17.28 1.27 -15.26
C LYS A 151 -17.38 -0.06 -15.98
N TRP A 152 -18.14 -0.98 -15.35
CA TRP A 152 -18.50 -2.28 -15.89
C TRP A 152 -19.91 -2.15 -16.28
N LYS A 153 -20.14 -2.77 -17.43
CA LYS A 153 -21.47 -2.85 -17.99
C LYS A 153 -21.98 -4.25 -18.41
N ILE A 154 -22.99 -4.79 -17.74
CA ILE A 154 -23.62 -6.05 -18.18
C ILE A 154 -24.96 -5.80 -18.87
N ASP A 155 -24.86 -6.07 -20.17
CA ASP A 155 -25.95 -5.87 -21.10
C ASP A 155 -26.54 -4.46 -21.00
N GLY A 156 -25.70 -3.45 -21.21
CA GLY A 156 -26.08 -2.03 -21.24
C GLY A 156 -26.32 -1.32 -19.88
N SER A 157 -26.15 -2.08 -18.79
CA SER A 157 -26.35 -1.68 -17.41
C SER A 157 -25.07 -1.65 -16.62
N GLU A 158 -25.00 -0.75 -15.64
CA GLU A 158 -23.80 -0.61 -14.83
C GLU A 158 -23.91 -1.50 -13.59
N ARG A 159 -23.29 -2.68 -13.58
CA ARG A 159 -23.35 -3.54 -12.41
C ARG A 159 -22.16 -3.15 -11.63
N GLN A 160 -22.30 -2.64 -10.42
CA GLN A 160 -21.11 -2.29 -9.66
C GLN A 160 -20.94 -2.75 -8.20
N ASN A 161 -21.43 -3.96 -7.98
CA ASN A 161 -21.10 -4.67 -6.75
C ASN A 161 -20.26 -5.83 -7.26
N GLY A 162 -19.32 -6.30 -6.45
CA GLY A 162 -18.44 -7.42 -6.78
C GLY A 162 -17.19 -7.00 -7.51
N VAL A 163 -16.98 -5.68 -7.61
CA VAL A 163 -15.89 -5.09 -8.37
C VAL A 163 -14.64 -4.97 -7.54
N LEU A 164 -13.50 -5.60 -7.83
CA LEU A 164 -12.32 -5.32 -7.05
C LEU A 164 -11.33 -4.68 -7.99
N ASN A 165 -10.86 -3.56 -7.45
CA ASN A 165 -9.89 -2.71 -8.07
C ASN A 165 -8.60 -2.65 -7.28
N SER A 166 -7.49 -2.72 -8.00
CA SER A 166 -6.21 -2.61 -7.38
C SER A 166 -5.31 -1.94 -8.43
N TRP A 167 -4.39 -1.09 -7.88
CA TRP A 167 -3.47 -0.30 -8.68
C TRP A 167 -2.05 -0.46 -8.17
N THR A 168 -1.16 -0.38 -9.14
CA THR A 168 0.25 -0.39 -8.89
C THR A 168 0.76 1.05 -8.61
N ASP A 169 1.96 1.09 -8.06
CA ASP A 169 2.67 2.33 -7.91
C ASP A 169 3.30 2.61 -9.26
N GLN A 170 3.87 3.82 -9.31
CA GLN A 170 4.43 4.41 -10.49
C GLN A 170 5.59 3.60 -10.96
N ASP A 171 5.50 3.20 -12.23
CA ASP A 171 6.55 2.38 -12.75
C ASP A 171 7.80 3.22 -12.87
N SER A 172 8.88 2.67 -12.30
CA SER A 172 10.13 3.40 -12.32
C SER A 172 10.88 3.31 -13.65
N LYS A 173 10.51 2.44 -14.60
CA LYS A 173 11.15 2.45 -15.92
C LYS A 173 10.45 3.51 -16.84
N ASP A 174 9.12 3.63 -16.90
CA ASP A 174 8.38 4.59 -17.73
C ASP A 174 7.41 4.99 -16.67
N SER A 175 7.23 6.24 -16.34
CA SER A 175 6.60 6.59 -15.07
C SER A 175 5.10 6.55 -15.12
N THR A 176 4.67 5.35 -15.38
CA THR A 176 3.33 4.97 -15.75
C THR A 176 2.61 4.32 -14.60
N TYR A 177 1.32 4.07 -14.62
CA TYR A 177 0.70 3.34 -13.53
C TYR A 177 0.10 2.01 -14.01
N SER A 178 -1.14 1.54 -13.77
CA SER A 178 -1.80 0.33 -14.23
C SER A 178 -2.82 -0.04 -13.16
N MET A 179 -3.88 -0.74 -13.58
CA MET A 179 -4.93 -1.13 -12.65
C MET A 179 -5.61 -2.41 -13.08
N SER A 180 -6.16 -3.23 -12.21
CA SER A 180 -6.92 -4.37 -12.67
C SER A 180 -8.26 -4.18 -12.01
N SER A 181 -9.31 -4.38 -12.82
CA SER A 181 -10.62 -4.41 -12.30
C SER A 181 -11.16 -5.81 -12.58
N THR A 182 -11.83 -6.35 -11.58
CA THR A 182 -12.37 -7.69 -11.61
C THR A 182 -13.84 -7.69 -11.28
N LEU A 183 -14.67 -8.11 -12.24
CA LEU A 183 -16.07 -8.30 -11.86
C LEU A 183 -16.38 -9.73 -11.46
N THR A 184 -16.84 -9.93 -10.24
CA THR A 184 -17.20 -11.27 -9.84
C THR A 184 -18.73 -11.48 -9.75
N LEU A 185 -19.10 -12.57 -10.40
CA LEU A 185 -20.46 -13.01 -10.57
C LEU A 185 -20.41 -14.47 -10.14
N THR A 186 -21.50 -15.21 -10.33
CA THR A 186 -21.57 -16.63 -10.04
C THR A 186 -21.87 -17.26 -11.42
N LYS A 187 -21.59 -18.54 -11.65
CA LYS A 187 -21.81 -19.09 -12.99
C LYS A 187 -23.29 -18.96 -13.44
N ASP A 188 -24.23 -19.08 -12.51
CA ASP A 188 -25.66 -19.04 -12.83
C ASP A 188 -25.92 -17.71 -13.51
N GLU A 189 -25.30 -16.71 -12.88
CA GLU A 189 -25.45 -15.31 -13.22
C GLU A 189 -24.74 -14.92 -14.49
N TYR A 190 -23.56 -15.50 -14.59
CA TYR A 190 -22.73 -15.19 -15.72
C TYR A 190 -23.39 -15.87 -16.89
N GLU A 191 -24.00 -17.03 -16.74
CA GLU A 191 -24.59 -17.68 -17.92
C GLU A 191 -25.91 -17.08 -18.33
N ARG A 192 -26.42 -16.21 -17.47
CA ARG A 192 -27.61 -15.47 -17.79
C ARG A 192 -27.31 -14.16 -18.56
N HIS A 193 -26.11 -13.82 -19.11
CA HIS A 193 -25.93 -12.56 -19.88
C HIS A 193 -24.84 -12.60 -20.91
N ASN A 194 -25.00 -11.73 -21.87
CA ASN A 194 -24.09 -11.86 -22.96
C ASN A 194 -22.97 -10.87 -23.05
N SER A 195 -23.19 -9.53 -23.03
CA SER A 195 -22.08 -8.58 -23.08
C SER A 195 -21.54 -8.13 -21.75
N TYR A 196 -20.22 -8.19 -21.67
CA TYR A 196 -19.52 -7.75 -20.47
C TYR A 196 -18.60 -6.68 -20.96
N THR A 197 -18.68 -5.44 -20.44
CA THR A 197 -17.92 -4.29 -20.92
C THR A 197 -17.13 -3.60 -19.85
N CYS A 198 -15.87 -3.22 -20.02
CA CYS A 198 -15.34 -2.29 -19.04
C CYS A 198 -14.98 -1.07 -19.85
N GLU A 199 -15.24 0.10 -19.32
CA GLU A 199 -14.90 1.28 -20.06
C GLU A 199 -14.14 2.38 -19.28
N ALA A 200 -12.86 2.38 -19.61
CA ALA A 200 -11.91 3.23 -18.95
C ALA A 200 -11.84 4.64 -19.49
N THR A 201 -12.37 5.41 -18.59
CA THR A 201 -12.43 6.81 -18.80
C THR A 201 -11.18 7.52 -18.27
N HIS A 202 -10.52 8.27 -19.17
CA HIS A 202 -9.29 8.91 -18.79
C HIS A 202 -8.75 10.09 -19.62
N LYS A 203 -8.73 11.39 -19.19
CA LYS A 203 -8.09 12.56 -19.85
C LYS A 203 -7.52 12.45 -21.29
N THR A 204 -6.60 11.49 -21.50
CA THR A 204 -6.07 11.21 -22.83
C THR A 204 -7.19 10.89 -23.80
N SER A 205 -8.43 10.59 -23.37
CA SER A 205 -9.51 10.49 -24.35
C SER A 205 -10.72 11.36 -24.02
N THR A 206 -11.33 11.64 -25.16
CA THR A 206 -12.57 12.37 -25.27
C THR A 206 -13.81 11.49 -24.95
N SER A 207 -13.77 10.17 -25.32
CA SER A 207 -14.87 9.21 -25.12
C SER A 207 -14.41 7.98 -24.36
N PRO A 208 -15.22 7.38 -23.47
CA PRO A 208 -14.86 6.20 -22.66
C PRO A 208 -14.14 5.15 -23.48
N ILE A 209 -12.90 4.75 -23.19
CA ILE A 209 -12.30 3.67 -23.98
C ILE A 209 -13.07 2.42 -23.54
N VAL A 210 -13.70 1.77 -24.53
CA VAL A 210 -14.62 0.66 -24.27
C VAL A 210 -14.04 -0.62 -24.85
N LYS A 211 -14.03 -1.61 -23.97
CA LYS A 211 -13.53 -2.92 -24.30
C LYS A 211 -14.58 -3.92 -23.77
N SER A 212 -15.17 -4.72 -24.65
CA SER A 212 -16.28 -5.59 -24.28
C SER A 212 -16.29 -7.01 -24.87
N PHE A 213 -16.99 -8.07 -24.37
CA PHE A 213 -17.22 -9.30 -25.14
C PHE A 213 -18.64 -9.82 -25.01
N ASN A 214 -19.01 -10.52 -26.07
CA ASN A 214 -20.29 -11.20 -26.25
C ASN A 214 -20.11 -12.68 -25.96
N ARG A 215 -20.92 -13.62 -26.43
CA ARG A 215 -20.68 -15.06 -26.27
C ARG A 215 -21.51 -15.81 -27.37
N GLN B 1 22.60 2.48 17.00
CA GLN B 1 23.18 3.12 18.18
C GLN B 1 22.25 2.63 19.32
N VAL B 2 21.00 3.13 19.32
CA VAL B 2 19.86 2.66 20.10
C VAL B 2 19.38 1.38 19.38
N GLN B 3 18.84 0.31 20.00
CA GLN B 3 18.21 -0.68 19.16
C GLN B 3 16.83 -0.75 19.79
N LEU B 4 15.80 -0.62 18.92
CA LEU B 4 14.40 -0.68 19.32
C LEU B 4 13.87 -1.87 18.54
N GLN B 5 13.45 -3.00 19.11
CA GLN B 5 12.90 -4.10 18.31
C GLN B 5 11.55 -4.39 18.89
N GLU B 6 10.58 -4.57 17.99
CA GLU B 6 9.25 -4.81 18.43
C GLU B 6 9.02 -6.30 18.14
N SER B 7 8.40 -7.03 19.08
CA SER B 7 8.05 -8.45 18.99
C SER B 7 6.54 -8.39 19.24
N GLY B 8 5.72 -9.27 18.65
CA GLY B 8 4.25 -9.35 18.84
C GLY B 8 3.68 -10.67 18.29
N PRO B 9 2.37 -11.03 18.24
CA PRO B 9 1.88 -12.34 17.80
C PRO B 9 1.65 -12.37 16.27
N GLY B 10 1.64 -13.44 15.47
CA GLY B 10 1.56 -13.22 14.02
C GLY B 10 0.21 -12.71 13.47
N ILE B 11 -0.75 -13.56 13.78
CA ILE B 11 -2.14 -13.55 13.37
C ILE B 11 -2.72 -13.72 14.73
N LEU B 12 -3.76 -12.97 14.88
CA LEU B 12 -4.55 -13.00 16.07
C LEU B 12 -5.98 -13.12 15.53
N GLN B 13 -6.85 -13.80 16.25
CA GLN B 13 -8.24 -13.79 15.82
C GLN B 13 -8.85 -12.56 16.37
N PRO B 14 -10.08 -12.20 16.02
CA PRO B 14 -10.80 -11.15 16.69
C PRO B 14 -10.92 -11.41 18.17
N SER B 15 -11.78 -10.68 18.87
CA SER B 15 -12.06 -10.89 20.30
C SER B 15 -10.89 -10.76 21.29
N GLN B 16 -9.62 -11.09 20.93
CA GLN B 16 -8.43 -11.13 21.74
C GLN B 16 -7.69 -9.86 22.10
N THR B 17 -6.57 -10.04 22.76
CA THR B 17 -5.76 -8.94 23.18
C THR B 17 -4.51 -9.13 22.40
N LEU B 18 -4.00 -7.95 22.01
CA LEU B 18 -2.76 -7.87 21.31
C LEU B 18 -1.69 -7.41 22.31
N SER B 19 -0.61 -8.18 22.47
CA SER B 19 0.47 -7.80 23.34
C SER B 19 1.67 -7.68 22.45
N LEU B 20 2.05 -6.39 22.48
CA LEU B 20 3.26 -5.89 21.85
C LEU B 20 4.28 -5.48 22.89
N THR B 21 5.49 -5.60 22.33
CA THR B 21 6.73 -5.43 23.04
C THR B 21 7.88 -4.78 22.30
N CYS B 22 8.15 -3.68 22.95
CA CYS B 22 9.31 -2.91 22.62
C CYS B 22 10.46 -3.18 23.55
N SER B 23 11.61 -3.53 23.01
CA SER B 23 12.83 -3.72 23.76
C SER B 23 13.78 -2.64 23.20
N PHE B 24 14.38 -1.87 24.09
CA PHE B 24 15.22 -0.77 23.74
C PHE B 24 16.59 -0.91 24.36
N SER B 25 17.59 -0.44 23.67
CA SER B 25 18.93 -0.39 24.16
C SER B 25 19.40 0.97 23.66
N GLY B 26 20.21 1.65 24.45
CA GLY B 26 20.86 2.84 23.94
C GLY B 26 20.63 4.07 24.74
N PHE B 27 19.44 4.04 25.38
CA PHE B 27 18.86 5.15 26.12
C PHE B 27 18.21 4.67 27.41
N SER B 28 17.87 5.48 28.45
CA SER B 28 17.25 4.94 29.64
C SER B 28 15.91 5.58 29.76
N LEU B 29 14.92 4.85 30.17
CA LEU B 29 13.67 5.48 30.44
C LEU B 29 13.77 6.24 31.78
N SER B 30 14.90 6.87 32.14
CA SER B 30 15.17 7.48 33.47
C SER B 30 15.46 9.00 33.33
N THR B 31 16.06 9.26 32.16
CA THR B 31 16.50 10.52 31.66
C THR B 31 15.37 11.44 31.64
N TYR B 32 15.69 12.61 32.09
CA TYR B 32 14.69 13.62 32.08
C TYR B 32 14.20 13.97 30.64
N GLY B 33 12.88 13.97 30.51
CA GLY B 33 12.30 14.18 29.21
C GLY B 33 12.13 12.87 28.43
N MET B 34 12.69 11.72 28.83
CA MET B 34 12.64 10.53 28.00
C MET B 34 11.26 9.82 27.94
N GLY B 35 11.07 8.96 26.93
CA GLY B 35 9.83 8.26 26.67
C GLY B 35 9.88 7.41 25.39
N VAL B 36 8.86 6.57 25.25
CA VAL B 36 8.68 5.73 24.08
C VAL B 36 7.19 5.91 23.67
N SER B 37 6.86 5.71 22.38
CA SER B 37 5.52 5.79 21.80
C SER B 37 5.26 4.52 21.05
N TRP B 38 3.98 4.23 20.89
CA TRP B 38 3.64 3.19 19.92
C TRP B 38 2.84 3.90 18.79
N ILE B 39 3.11 3.59 17.57
CA ILE B 39 2.48 4.21 16.44
C ILE B 39 2.12 3.01 15.59
N ARG B 40 1.11 3.10 14.74
CA ARG B 40 0.74 2.00 13.87
C ARG B 40 0.32 2.60 12.56
N GLN B 41 0.57 1.88 11.47
CA GLN B 41 0.10 2.35 10.19
C GLN B 41 -0.84 1.29 9.70
N PRO B 42 -2.15 1.48 9.70
CA PRO B 42 -3.06 0.65 8.97
C PRO B 42 -2.66 0.37 7.52
N SER B 43 -3.00 -0.85 7.22
CA SER B 43 -2.72 -1.43 5.94
C SER B 43 -3.22 -0.58 4.77
N GLY B 44 -2.16 -0.03 4.18
CA GLY B 44 -2.25 0.93 3.09
C GLY B 44 -2.85 2.26 3.58
N LYS B 45 -2.22 3.09 4.46
CA LYS B 45 -2.69 4.42 4.86
C LYS B 45 -1.88 5.12 5.93
N GLY B 46 -2.44 6.19 6.53
CA GLY B 46 -1.77 7.08 7.48
C GLY B 46 -1.17 6.37 8.66
N LEU B 47 -0.31 7.11 9.33
CA LEU B 47 0.27 6.64 10.56
C LEU B 47 -0.68 7.14 11.67
N GLU B 48 -0.89 6.46 12.81
CA GLU B 48 -1.79 6.84 13.88
C GLU B 48 -0.98 6.62 15.14
N TRP B 49 -1.08 7.51 16.11
CA TRP B 49 -0.37 7.41 17.37
C TRP B 49 -1.27 6.74 18.39
N LEU B 50 -0.72 5.76 19.09
CA LEU B 50 -1.47 5.01 20.01
C LEU B 50 -1.37 5.46 21.47
N ALA B 51 -0.15 5.47 22.05
CA ALA B 51 0.05 5.81 23.45
C ALA B 51 1.43 6.37 23.71
N HIS B 52 1.86 6.84 24.89
CA HIS B 52 3.20 7.31 25.13
C HIS B 52 3.55 7.13 26.61
N ILE B 53 4.65 6.53 27.02
CA ILE B 53 4.97 6.46 28.43
C ILE B 53 6.25 7.24 28.58
N PHE B 54 6.42 7.93 29.73
CA PHE B 54 7.49 8.85 30.11
C PHE B 54 8.33 8.24 31.17
N TRP B 55 9.40 8.94 31.48
CA TRP B 55 10.38 8.61 32.51
C TRP B 55 9.78 8.64 33.91
N ASP B 56 8.89 9.59 34.09
CA ASP B 56 8.32 9.82 35.37
C ASP B 56 7.11 8.90 35.45
N GLY B 57 7.10 7.69 34.89
CA GLY B 57 5.92 6.84 34.89
C GLY B 57 4.65 7.35 34.20
N ASP B 58 4.48 8.65 33.88
CA ASP B 58 3.34 9.19 33.15
C ASP B 58 3.19 8.63 31.73
N LYS B 59 1.90 8.36 31.50
CA LYS B 59 1.30 7.69 30.38
C LYS B 59 0.33 8.60 29.68
N ARG B 60 0.30 8.66 28.37
CA ARG B 60 -0.58 9.52 27.58
C ARG B 60 -1.20 8.71 26.41
N TYR B 61 -2.52 8.78 26.16
CA TYR B 61 -3.19 7.98 25.13
C TYR B 61 -3.95 8.75 24.03
N ASN B 62 -4.13 7.91 23.03
CA ASN B 62 -4.90 8.35 21.92
C ASN B 62 -6.32 8.34 22.42
N PRO B 63 -6.95 9.52 22.49
CA PRO B 63 -8.23 9.73 23.12
C PRO B 63 -9.25 8.83 22.54
N SER B 64 -9.34 8.38 21.28
CA SER B 64 -10.29 7.37 20.76
C SER B 64 -10.06 5.93 21.24
N LEU B 65 -8.85 5.45 21.37
CA LEU B 65 -8.68 4.07 21.66
C LEU B 65 -8.36 3.94 23.11
N LYS B 66 -8.18 4.99 23.91
CA LYS B 66 -7.70 4.80 25.30
C LYS B 66 -8.48 3.76 26.04
N SER B 67 -9.74 3.52 25.71
CA SER B 67 -10.57 2.48 26.26
C SER B 67 -10.11 1.06 25.97
N ARG B 68 -9.15 0.83 25.11
CA ARG B 68 -8.68 -0.50 24.83
C ARG B 68 -7.15 -0.51 24.87
N LEU B 69 -6.40 0.41 25.52
CA LEU B 69 -4.92 0.51 25.49
C LEU B 69 -4.20 0.47 26.85
N LYS B 70 -2.97 0.00 27.06
CA LYS B 70 -2.30 0.14 28.37
C LYS B 70 -0.83 0.00 28.04
N ILE B 71 0.02 1.02 28.31
CA ILE B 71 1.46 0.90 27.99
C ILE B 71 2.07 0.61 29.34
N SER B 72 3.11 -0.17 29.50
CA SER B 72 3.79 -0.36 30.78
C SER B 72 5.28 -0.48 30.45
N LYS B 73 6.19 -0.22 31.38
CA LYS B 73 7.63 -0.37 31.08
C LYS B 73 8.39 -1.34 31.98
N ASP B 74 9.09 -2.35 31.49
CA ASP B 74 9.93 -3.10 32.38
C ASP B 74 11.33 -2.54 32.28
N THR B 75 11.73 -1.51 33.06
CA THR B 75 13.09 -0.91 33.02
C THR B 75 14.16 -1.83 33.56
N SER B 76 13.81 -3.03 34.00
CA SER B 76 14.83 -3.96 34.43
C SER B 76 15.09 -4.80 33.21
N ASN B 77 14.13 -4.97 32.31
CA ASN B 77 14.41 -5.80 31.16
C ASN B 77 14.63 -4.99 29.90
N ASN B 78 14.45 -3.68 30.05
CA ASN B 78 14.41 -2.68 29.00
C ASN B 78 13.36 -2.90 27.96
N GLN B 79 12.14 -3.01 28.49
CA GLN B 79 10.99 -3.28 27.69
C GLN B 79 9.86 -2.35 27.95
N VAL B 80 9.11 -1.86 26.95
CA VAL B 80 7.85 -1.20 27.29
C VAL B 80 6.87 -2.06 26.53
N PHE B 81 5.60 -2.10 26.88
CA PHE B 81 4.62 -2.96 26.22
C PHE B 81 3.38 -2.15 26.01
N LEU B 82 2.54 -2.55 25.05
CA LEU B 82 1.24 -1.94 24.76
C LEU B 82 0.34 -3.13 24.68
N LYS B 83 -0.87 -3.01 25.18
CA LYS B 83 -1.81 -4.08 25.19
C LYS B 83 -3.10 -3.46 24.62
N ILE B 84 -3.64 -3.97 23.52
CA ILE B 84 -4.91 -3.47 23.01
C ILE B 84 -5.82 -4.63 23.27
N THR B 85 -6.96 -4.36 23.83
CA THR B 85 -7.81 -5.43 24.30
C THR B 85 -8.82 -5.54 23.21
N SER B 86 -9.38 -6.68 22.92
CA SER B 86 -10.47 -6.81 21.93
C SER B 86 -10.27 -6.38 20.50
N VAL B 87 -9.26 -7.01 19.94
CA VAL B 87 -8.84 -6.69 18.60
C VAL B 87 -9.99 -7.04 17.65
N ASP B 88 -10.31 -6.31 16.58
CA ASP B 88 -11.27 -6.77 15.58
C ASP B 88 -10.58 -6.75 14.23
N THR B 89 -11.16 -6.51 13.07
CA THR B 89 -10.40 -6.57 11.82
C THR B 89 -9.58 -5.30 11.62
N ALA B 90 -10.13 -4.13 11.91
CA ALA B 90 -9.44 -2.87 11.72
C ALA B 90 -8.16 -2.68 12.51
N ASP B 91 -7.72 -3.43 13.53
CA ASP B 91 -6.39 -3.13 14.06
C ASP B 91 -5.31 -3.84 13.25
N THR B 92 -5.57 -4.38 12.06
CA THR B 92 -4.54 -4.87 11.18
C THR B 92 -3.83 -3.58 10.74
N ALA B 93 -2.59 -3.68 11.20
CA ALA B 93 -1.61 -2.66 10.97
C ALA B 93 -0.17 -3.15 11.25
N THR B 94 0.80 -2.22 11.10
CA THR B 94 2.19 -2.43 11.53
C THR B 94 2.49 -1.52 12.74
N TYR B 95 2.88 -2.12 13.83
CA TYR B 95 3.07 -1.38 15.06
C TYR B 95 4.49 -0.97 15.12
N TYR B 96 4.91 0.26 15.39
CA TYR B 96 6.31 0.59 15.49
C TYR B 96 6.56 1.09 16.91
N CYS B 97 7.72 0.76 17.45
CA CYS B 97 8.06 1.26 18.77
C CYS B 97 8.82 2.52 18.47
N VAL B 98 8.61 3.71 19.02
CA VAL B 98 9.34 4.96 18.61
C VAL B 98 9.96 5.79 19.78
N GLN B 99 11.26 6.05 19.83
CA GLN B 99 11.87 6.78 20.95
C GLN B 99 11.34 8.22 21.01
N GLU B 100 11.33 8.90 22.16
CA GLU B 100 10.62 10.12 22.48
C GLU B 100 9.64 10.67 21.47
N GLY B 101 8.86 9.74 20.92
CA GLY B 101 7.83 10.18 19.97
C GLY B 101 8.25 10.47 18.54
N TYR B 102 9.52 10.69 18.21
CA TYR B 102 9.88 10.86 16.82
C TYR B 102 11.27 10.48 16.45
N ILE B 103 12.18 10.70 17.38
CA ILE B 103 13.56 10.56 17.04
C ILE B 103 14.03 9.17 16.55
N TYR B 104 13.67 7.98 17.05
CA TYR B 104 14.20 6.77 16.46
C TYR B 104 13.07 5.74 16.40
N TRP B 105 12.80 5.34 15.17
CA TRP B 105 11.75 4.44 14.80
C TRP B 105 12.26 3.05 14.80
N GLY B 106 11.74 2.00 15.43
CA GLY B 106 12.26 0.67 15.20
C GLY B 106 11.69 0.11 13.86
N GLN B 107 11.81 -1.20 13.58
CA GLN B 107 11.43 -1.82 12.29
C GLN B 107 9.95 -2.01 11.97
N GLY B 108 9.12 -2.24 12.99
CA GLY B 108 7.70 -2.60 12.86
C GLY B 108 7.46 -4.09 12.98
N THR B 109 6.20 -4.38 13.22
CA THR B 109 5.80 -5.75 13.41
C THR B 109 4.36 -5.70 12.93
N SER B 110 4.02 -6.72 12.14
CA SER B 110 2.82 -6.71 11.35
C SER B 110 1.79 -7.64 11.99
N VAL B 111 0.62 -7.13 12.37
CA VAL B 111 -0.35 -7.93 13.04
C VAL B 111 -1.52 -8.05 12.09
N THR B 112 -2.01 -9.27 11.84
CA THR B 112 -3.17 -9.49 10.98
C THR B 112 -4.24 -10.04 11.93
N VAL B 113 -5.50 -9.59 11.89
CA VAL B 113 -6.51 -10.10 12.79
C VAL B 113 -7.56 -10.74 11.91
N SER B 114 -7.95 -12.01 12.10
CA SER B 114 -8.88 -12.65 11.19
C SER B 114 -9.26 -13.97 11.78
N SER B 115 -10.53 -14.18 11.50
CA SER B 115 -11.18 -15.44 11.74
C SER B 115 -10.65 -16.44 10.74
N ALA B 116 -10.36 -15.98 9.51
CA ALA B 116 -10.01 -16.82 8.42
C ALA B 116 -8.84 -17.73 8.71
N LYS B 117 -8.70 -18.87 8.03
CA LYS B 117 -7.58 -19.77 8.30
C LYS B 117 -7.07 -20.36 7.00
N THR B 118 -5.74 -20.32 7.04
CA THR B 118 -4.81 -20.79 6.05
C THR B 118 -5.43 -21.52 4.87
N THR B 119 -5.92 -20.84 3.83
CA THR B 119 -6.58 -21.56 2.76
C THR B 119 -5.65 -21.40 1.56
N ALA B 120 -5.13 -22.47 0.92
CA ALA B 120 -4.34 -22.34 -0.32
C ALA B 120 -5.12 -21.71 -1.50
N PRO B 121 -4.56 -20.93 -2.45
CA PRO B 121 -5.29 -20.15 -3.47
C PRO B 121 -5.79 -20.99 -4.63
N SER B 122 -6.31 -20.32 -5.65
CA SER B 122 -6.65 -21.01 -6.91
C SER B 122 -6.04 -20.21 -8.06
N VAL B 123 -5.27 -20.87 -8.91
CA VAL B 123 -4.64 -20.14 -9.96
C VAL B 123 -5.55 -20.40 -11.12
N TYR B 124 -6.07 -19.34 -11.71
CA TYR B 124 -6.97 -19.42 -12.84
C TYR B 124 -6.24 -18.75 -14.02
N PRO B 125 -6.10 -19.26 -15.27
CA PRO B 125 -5.45 -18.62 -16.39
C PRO B 125 -6.34 -17.63 -17.09
N LEU B 126 -5.74 -16.64 -17.74
CA LEU B 126 -6.52 -15.70 -18.51
C LEU B 126 -5.78 -15.59 -19.83
N ALA B 127 -6.36 -16.09 -20.89
CA ALA B 127 -5.68 -16.08 -22.18
C ALA B 127 -6.50 -15.09 -22.96
N PRO B 128 -6.18 -14.59 -24.13
CA PRO B 128 -6.76 -13.40 -24.68
C PRO B 128 -8.20 -13.52 -25.20
N VAL B 129 -9.09 -12.49 -25.12
CA VAL B 129 -10.35 -12.64 -25.80
C VAL B 129 -9.88 -12.53 -27.26
N CYS B 130 -8.97 -11.53 -27.42
CA CYS B 130 -8.21 -11.06 -28.59
C CYS B 130 -8.99 -10.61 -29.81
N GLY B 131 -8.39 -9.58 -30.39
CA GLY B 131 -8.85 -9.05 -31.64
C GLY B 131 -7.51 -8.67 -32.19
N ASP B 132 -6.82 -9.64 -32.83
CA ASP B 132 -5.45 -9.42 -33.25
C ASP B 132 -5.11 -8.27 -34.20
N THR B 133 -3.80 -8.08 -34.44
CA THR B 133 -3.30 -7.11 -35.42
C THR B 133 -3.67 -5.64 -35.08
N THR B 134 -4.08 -5.33 -33.85
CA THR B 134 -4.23 -3.93 -33.35
C THR B 134 -3.07 -3.66 -32.37
N GLY B 135 -1.99 -4.27 -32.82
CA GLY B 135 -0.77 -4.38 -32.11
C GLY B 135 -0.32 -5.81 -32.35
N SER B 136 1.01 -5.74 -32.31
CA SER B 136 1.85 -6.91 -32.30
C SER B 136 2.43 -7.10 -30.88
N SER B 137 1.43 -6.96 -30.00
CA SER B 137 1.51 -6.95 -28.56
C SER B 137 1.05 -8.30 -27.97
N VAL B 138 -0.18 -8.41 -27.36
CA VAL B 138 -0.79 -9.52 -26.54
C VAL B 138 -0.53 -9.44 -25.02
N THR B 139 -1.53 -9.31 -24.15
CA THR B 139 -1.34 -9.35 -22.71
C THR B 139 -1.99 -10.68 -22.26
N LEU B 140 -1.44 -11.38 -21.25
CA LEU B 140 -2.01 -12.58 -20.71
C LEU B 140 -2.14 -12.28 -19.22
N GLY B 141 -2.85 -13.10 -18.43
CA GLY B 141 -2.99 -12.85 -17.01
C GLY B 141 -3.07 -14.13 -16.20
N CYS B 142 -3.13 -13.99 -14.88
CA CYS B 142 -3.17 -15.14 -14.00
C CYS B 142 -3.81 -14.54 -12.79
N LEU B 143 -4.96 -15.01 -12.40
CA LEU B 143 -5.68 -14.49 -11.26
C LEU B 143 -5.50 -15.56 -10.20
N VAL B 144 -5.04 -15.14 -9.04
CA VAL B 144 -4.87 -15.96 -7.85
C VAL B 144 -5.98 -15.51 -6.92
N LYS B 145 -6.81 -16.44 -6.51
CA LYS B 145 -8.08 -16.22 -5.86
C LYS B 145 -8.19 -17.01 -4.54
N GLY B 146 -8.89 -16.42 -3.58
CA GLY B 146 -9.14 -17.09 -2.31
C GLY B 146 -7.99 -17.49 -1.41
N TYR B 147 -6.81 -16.95 -1.26
CA TYR B 147 -5.87 -17.51 -0.32
C TYR B 147 -5.82 -16.61 0.93
N PHE B 148 -5.22 -17.26 1.97
CA PHE B 148 -4.94 -16.75 3.32
C PHE B 148 -3.87 -17.61 3.96
N PRO B 149 -2.94 -17.17 4.81
CA PRO B 149 -2.63 -15.77 5.06
C PRO B 149 -1.78 -15.30 3.91
N GLU B 150 -1.53 -13.98 3.86
CA GLU B 150 -0.51 -13.45 2.93
C GLU B 150 0.87 -14.06 3.36
N PRO B 151 1.92 -14.27 2.56
CA PRO B 151 2.06 -13.97 1.11
C PRO B 151 2.02 -15.07 0.03
N VAL B 152 1.91 -14.70 -1.25
CA VAL B 152 2.21 -15.64 -2.34
C VAL B 152 3.40 -15.11 -3.11
N THR B 153 4.12 -15.98 -3.78
CA THR B 153 5.31 -15.62 -4.56
C THR B 153 4.94 -15.95 -6.01
N LEU B 154 4.57 -14.99 -6.87
CA LEU B 154 4.16 -15.30 -8.24
C LEU B 154 5.26 -15.07 -9.26
N THR B 155 5.58 -15.94 -10.20
CA THR B 155 6.53 -15.59 -11.24
C THR B 155 5.90 -15.96 -12.57
N TRP B 156 6.67 -15.72 -13.65
CA TRP B 156 6.33 -16.10 -15.01
C TRP B 156 7.50 -16.80 -15.69
N ASN B 157 7.21 -18.02 -16.13
CA ASN B 157 8.15 -18.94 -16.75
C ASN B 157 9.28 -19.06 -15.75
N SER B 158 8.95 -19.36 -14.54
CA SER B 158 9.94 -19.51 -13.49
C SER B 158 11.08 -18.47 -13.41
N GLY B 159 10.48 -17.25 -13.50
CA GLY B 159 11.14 -15.98 -13.41
C GLY B 159 11.99 -15.69 -14.61
N SER B 160 11.89 -16.47 -15.71
CA SER B 160 12.66 -16.20 -16.94
C SER B 160 12.08 -14.97 -17.63
N LEU B 161 10.78 -14.76 -17.47
CA LEU B 161 10.18 -13.61 -18.10
C LEU B 161 9.81 -12.65 -16.98
N SER B 162 10.49 -11.48 -17.04
CA SER B 162 10.30 -10.47 -16.02
C SER B 162 9.94 -9.05 -16.47
N SER B 163 9.98 -8.77 -17.79
CA SER B 163 9.78 -7.39 -18.23
C SER B 163 8.45 -7.41 -18.85
N GLY B 164 7.74 -6.39 -18.44
CA GLY B 164 6.37 -6.35 -18.89
C GLY B 164 5.53 -7.41 -18.20
N VAL B 165 5.77 -7.61 -16.89
CA VAL B 165 4.94 -8.33 -15.93
C VAL B 165 4.33 -7.21 -15.11
N HIS B 166 3.14 -7.35 -14.54
CA HIS B 166 2.65 -6.37 -13.61
C HIS B 166 1.91 -7.17 -12.61
N THR B 167 2.49 -7.36 -11.43
CA THR B 167 1.75 -8.03 -10.40
C THR B 167 1.00 -7.11 -9.44
N PHE B 168 -0.32 -6.98 -9.59
CA PHE B 168 -1.18 -6.17 -8.74
C PHE B 168 -1.21 -6.56 -7.24
N PRO B 169 -1.57 -5.67 -6.33
CA PRO B 169 -1.58 -6.00 -4.91
C PRO B 169 -2.73 -6.91 -4.49
N ALA B 170 -2.51 -7.69 -3.42
CA ALA B 170 -3.53 -8.56 -2.88
C ALA B 170 -4.60 -7.74 -2.21
N VAL B 171 -5.87 -7.87 -2.53
CA VAL B 171 -6.94 -7.12 -1.86
C VAL B 171 -7.73 -8.21 -1.13
N LEU B 172 -7.90 -8.17 0.20
CA LEU B 172 -8.66 -9.14 1.01
C LEU B 172 -10.08 -8.82 0.61
N GLN B 173 -10.86 -9.70 -0.02
CA GLN B 173 -12.26 -9.44 -0.27
C GLN B 173 -13.01 -9.99 0.94
N SER B 174 -13.62 -11.17 0.98
CA SER B 174 -14.41 -11.59 2.15
C SER B 174 -13.51 -12.40 3.04
N ASP B 175 -12.80 -11.71 3.94
CA ASP B 175 -11.77 -12.37 4.77
C ASP B 175 -10.55 -12.92 4.05
N LEU B 176 -10.70 -13.13 2.74
CA LEU B 176 -9.77 -13.83 1.89
C LEU B 176 -9.20 -12.95 0.79
N TYR B 177 -7.92 -13.11 0.50
CA TYR B 177 -7.22 -12.31 -0.49
C TYR B 177 -7.30 -12.77 -1.94
N THR B 178 -7.26 -11.85 -2.88
CA THR B 178 -7.16 -12.13 -4.30
C THR B 178 -5.97 -11.35 -4.90
N LEU B 179 -5.45 -11.68 -6.09
CA LEU B 179 -4.35 -10.96 -6.71
C LEU B 179 -4.21 -11.41 -8.16
N SER B 180 -3.96 -10.50 -9.08
CA SER B 180 -3.73 -10.83 -10.48
C SER B 180 -2.39 -10.27 -10.93
N SER B 181 -1.83 -10.80 -12.01
CA SER B 181 -0.72 -10.19 -12.67
C SER B 181 -1.00 -10.31 -14.18
N SER B 182 -0.63 -9.24 -14.89
CA SER B 182 -0.68 -9.23 -16.34
C SER B 182 0.76 -9.38 -16.85
N VAL B 183 1.03 -10.12 -17.91
CA VAL B 183 2.33 -10.09 -18.52
C VAL B 183 2.00 -9.63 -19.93
N THR B 184 2.83 -8.81 -20.58
CA THR B 184 2.50 -8.32 -21.90
C THR B 184 3.78 -8.60 -22.69
N VAL B 185 3.72 -9.37 -23.78
CA VAL B 185 4.90 -9.81 -24.53
C VAL B 185 4.68 -9.54 -26.04
N THR B 186 5.58 -9.66 -27.01
CA THR B 186 5.22 -9.35 -28.38
C THR B 186 4.49 -10.52 -29.06
N SER B 187 3.80 -10.42 -30.21
CA SER B 187 3.10 -11.56 -30.86
C SER B 187 3.94 -12.73 -31.31
N SER B 188 5.22 -12.45 -31.56
CA SER B 188 6.14 -13.49 -31.96
C SER B 188 6.39 -14.45 -30.84
N THR B 189 6.09 -14.00 -29.60
CA THR B 189 6.44 -14.70 -28.39
C THR B 189 5.45 -15.76 -27.98
N TRP B 190 4.19 -15.43 -27.96
CA TRP B 190 3.21 -16.37 -27.52
C TRP B 190 2.33 -16.48 -28.76
N PRO B 191 1.83 -17.57 -29.33
CA PRO B 191 1.95 -18.86 -28.71
C PRO B 191 3.19 -19.66 -29.00
N SER B 192 4.13 -19.10 -29.76
CA SER B 192 5.37 -19.72 -30.27
C SER B 192 6.22 -20.41 -29.23
N GLN B 193 6.32 -19.83 -28.03
CA GLN B 193 6.98 -20.44 -26.88
C GLN B 193 5.93 -20.24 -25.80
N SER B 194 5.82 -21.20 -24.86
CA SER B 194 4.76 -21.19 -23.86
C SER B 194 4.92 -20.24 -22.67
N ILE B 195 3.78 -19.78 -22.10
CA ILE B 195 3.89 -18.92 -20.90
C ILE B 195 3.25 -19.63 -19.73
N THR B 196 3.83 -19.49 -18.57
CA THR B 196 3.42 -20.25 -17.40
C THR B 196 3.50 -19.29 -16.25
N CYS B 197 2.40 -19.33 -15.55
CA CYS B 197 2.24 -18.54 -14.35
C CYS B 197 2.78 -19.31 -13.16
N ASN B 198 3.56 -18.82 -12.22
CA ASN B 198 3.93 -19.71 -11.13
C ASN B 198 3.49 -19.10 -9.83
N VAL B 199 2.76 -19.83 -9.00
CA VAL B 199 2.31 -19.26 -7.75
C VAL B 199 2.74 -20.23 -6.65
N ALA B 200 3.19 -19.75 -5.51
CA ALA B 200 3.47 -20.63 -4.42
C ALA B 200 3.16 -19.85 -3.16
N HIS B 201 2.53 -20.68 -2.34
CA HIS B 201 1.91 -20.29 -1.11
C HIS B 201 2.58 -21.07 -0.02
N PRO B 202 3.54 -20.42 0.64
CA PRO B 202 4.41 -21.09 1.59
C PRO B 202 3.59 -21.39 2.85
N ALA B 203 2.54 -20.61 3.14
CA ALA B 203 1.65 -20.92 4.25
C ALA B 203 0.78 -22.19 4.02
N SER B 204 0.96 -22.91 2.92
CA SER B 204 0.24 -24.14 2.66
C SER B 204 1.12 -25.10 1.85
N SER B 205 2.28 -24.65 1.33
CA SER B 205 3.13 -25.46 0.47
C SER B 205 2.35 -25.95 -0.73
N THR B 206 1.80 -24.88 -1.30
CA THR B 206 1.06 -24.97 -2.55
C THR B 206 2.06 -24.35 -3.56
N LYS B 207 2.35 -25.01 -4.70
CA LYS B 207 3.26 -24.56 -5.77
C LYS B 207 2.54 -25.02 -7.02
N VAL B 208 1.92 -24.09 -7.72
CA VAL B 208 1.13 -24.38 -8.91
C VAL B 208 1.66 -23.68 -10.18
N ASP B 209 1.59 -24.32 -11.35
CA ASP B 209 2.03 -23.64 -12.56
C ASP B 209 1.01 -23.87 -13.66
N LYS B 210 0.43 -22.77 -14.11
CA LYS B 210 -0.64 -22.91 -15.06
C LYS B 210 -0.17 -22.45 -16.43
N LYS B 211 -0.15 -23.32 -17.47
CA LYS B 211 0.25 -22.94 -18.83
C LYS B 211 -0.88 -22.12 -19.39
N ILE B 212 -0.53 -20.96 -19.93
CA ILE B 212 -1.48 -20.10 -20.61
C ILE B 212 -1.46 -20.55 -22.06
N GLU B 213 -2.67 -21.04 -22.38
CA GLU B 213 -2.99 -21.66 -23.66
C GLU B 213 -4.18 -21.03 -24.35
N PRO B 214 -4.06 -20.94 -25.70
CA PRO B 214 -5.07 -20.35 -26.58
C PRO B 214 -6.43 -21.01 -26.47
N ARG B 215 -7.47 -20.15 -26.63
CA ARG B 215 -8.87 -20.51 -26.45
C ARG B 215 -9.54 -21.19 -27.67
#